data_3ZRS
#
_entry.id   3ZRS
#
_cell.length_a   106.240
_cell.length_b   106.240
_cell.length_c   89.800
_cell.angle_alpha   90.00
_cell.angle_beta   90.00
_cell.angle_gamma   90.00
#
_symmetry.space_group_name_H-M   'P 4 21 2'
#
loop_
_entity.id
_entity.type
_entity.pdbx_description
1 polymer 'ATP-SENSITIVE INWARD RECTIFIER POTASSIUM CHANNEL 10'
2 non-polymer 'CHLORIDE ION'
3 non-polymer 'POTASSIUM ION'
4 water water
#
_entity_poly.entity_id   1
_entity_poly.type   'polypeptide(L)'
_entity_poly.pdbx_seq_one_letter_code
;MTGGMKPPARKPRILNSDGSSNITRLGLEKRGWLDDHYHDLLTVSWPVFITLITGLYLVTNALFALAYLACGDVIENARP
GSFTDAFFFSVQTMATIGYGKLIPIGPLANTLVTLEALCGMLGLAVAARLIYARFTRPTAGVLFSSRMVISDFEGKPTLM
MRLANLRIEQIIEADVHLVLVRSEISQEGMVFRRFHDLTLTRSRSPIFSLSWTVMHPIDHHSPIYGETDETLRNSHSEFL
VLFTGHHEAFAQNVHARHAYSCDEIIWGGHFVDVFTTLPDGRRALDLGKFHEIAQHHHHHH
;
_entity_poly.pdbx_strand_id   A
#
loop_
_chem_comp.id
_chem_comp.type
_chem_comp.name
_chem_comp.formula
CL non-polymer 'CHLORIDE ION' 'Cl -1'
K non-polymer 'POTASSIUM ION' 'K 1'
#
# COMPACT_ATOMS: atom_id res chain seq x y z
N PRO A 12 -12.89 0.14 22.04
CA PRO A 12 -12.06 -0.47 21.00
C PRO A 12 -10.95 0.46 20.50
N ARG A 13 -10.15 -0.03 19.56
CA ARG A 13 -9.04 0.70 18.95
C ARG A 13 -9.55 1.59 17.81
N ILE A 14 -9.44 2.93 17.97
CA ILE A 14 -9.84 3.92 16.93
C ILE A 14 -8.96 3.63 15.67
N LEU A 15 -7.65 3.39 15.88
CA LEU A 15 -6.71 3.00 14.84
C LEU A 15 -6.20 1.58 15.10
N ASN A 16 -6.26 0.70 14.08
CA ASN A 16 -5.73 -0.67 14.13
C ASN A 16 -4.20 -0.58 14.26
N SER A 17 -3.47 -1.69 14.48
CA SER A 17 -2.02 -1.55 14.64
C SER A 17 -1.27 -1.23 13.32
N ASP A 18 -1.92 -1.40 12.16
CA ASP A 18 -1.31 -1.13 10.86
C ASP A 18 -1.56 0.31 10.38
N GLY A 19 -2.21 1.12 11.22
CA GLY A 19 -2.48 2.51 10.92
C GLY A 19 -3.84 2.76 10.31
N SER A 20 -4.46 1.72 9.73
CA SER A 20 -5.77 1.84 9.12
C SER A 20 -6.87 2.07 10.19
N SER A 21 -7.89 2.86 9.86
CA SER A 21 -8.97 3.18 10.79
C SER A 21 -10.03 2.08 10.88
N ASN A 22 -10.63 1.97 12.06
CA ASN A 22 -11.65 1.00 12.43
C ASN A 22 -13.03 1.30 11.77
N ILE A 23 -13.55 2.56 11.91
CA ILE A 23 -14.83 3.15 11.47
C ILE A 23 -15.44 2.56 10.17
N THR A 24 -16.79 2.41 10.17
CA THR A 24 -17.56 1.86 9.04
C THR A 24 -18.25 2.99 8.27
N ARG A 25 -18.15 2.96 6.92
CA ARG A 25 -18.66 4.00 6.03
C ARG A 25 -20.15 3.87 5.69
N LEU A 26 -20.81 5.03 5.44
CA LEU A 26 -22.23 5.22 5.09
C LEU A 26 -22.47 6.68 4.67
N TRP A 33 -21.65 2.11 -11.80
CA TRP A 33 -20.99 0.86 -12.24
C TRP A 33 -19.54 1.11 -12.66
N LEU A 34 -19.34 2.07 -13.59
CA LEU A 34 -18.04 2.41 -14.16
C LEU A 34 -17.63 3.88 -13.80
N ASP A 35 -18.17 4.42 -12.68
CA ASP A 35 -17.91 5.76 -12.15
C ASP A 35 -16.45 5.92 -11.68
N ASP A 36 -15.87 4.90 -11.01
CA ASP A 36 -14.49 4.92 -10.51
C ASP A 36 -13.69 3.70 -11.05
N HIS A 37 -13.66 3.56 -12.38
CA HIS A 37 -13.06 2.47 -13.16
C HIS A 37 -11.58 2.21 -12.82
N TYR A 38 -10.70 3.24 -12.94
CA TYR A 38 -9.26 3.14 -12.70
C TYR A 38 -8.97 2.77 -11.24
N HIS A 39 -9.65 3.37 -10.26
CA HIS A 39 -9.42 2.98 -8.89
C HIS A 39 -9.76 1.49 -8.73
N ASP A 40 -11.00 1.08 -9.10
CA ASP A 40 -11.49 -0.30 -8.93
C ASP A 40 -10.65 -1.34 -9.67
N LEU A 41 -10.11 -1.00 -10.86
CA LEU A 41 -9.28 -1.94 -11.60
C LEU A 41 -7.95 -2.16 -10.91
N LEU A 42 -7.55 -1.24 -10.00
CA LEU A 42 -6.31 -1.40 -9.22
C LEU A 42 -6.57 -2.07 -7.88
N THR A 43 -7.74 -1.81 -7.27
CA THR A 43 -8.03 -2.30 -5.92
C THR A 43 -8.79 -3.66 -5.89
N VAL A 44 -9.62 -3.96 -6.92
CA VAL A 44 -10.36 -5.23 -7.03
C VAL A 44 -9.36 -6.42 -6.95
N SER A 45 -9.79 -7.59 -6.43
CA SER A 45 -8.88 -8.73 -6.25
C SER A 45 -8.40 -9.32 -7.58
N TRP A 46 -7.29 -10.09 -7.55
CA TRP A 46 -6.76 -10.73 -8.75
C TRP A 46 -7.80 -11.66 -9.33
N PRO A 47 -8.46 -12.57 -8.56
CA PRO A 47 -9.53 -13.39 -9.17
C PRO A 47 -10.58 -12.58 -9.94
N VAL A 48 -11.02 -11.42 -9.42
CA VAL A 48 -12.02 -10.59 -10.08
C VAL A 48 -11.40 -9.94 -11.29
N PHE A 49 -10.20 -9.37 -11.11
CA PHE A 49 -9.46 -8.70 -12.15
C PHE A 49 -9.24 -9.61 -13.37
N ILE A 50 -8.74 -10.86 -13.17
CA ILE A 50 -8.50 -11.82 -14.27
C ILE A 50 -9.80 -12.11 -14.99
N THR A 51 -10.86 -12.47 -14.23
CA THR A 51 -12.22 -12.71 -14.71
C THR A 51 -12.68 -11.55 -15.56
N LEU A 52 -12.53 -10.32 -15.05
CA LEU A 52 -12.92 -9.07 -15.71
C LEU A 52 -12.22 -8.88 -17.06
N ILE A 53 -10.92 -9.22 -17.15
CA ILE A 53 -10.15 -9.13 -18.39
C ILE A 53 -10.56 -10.28 -19.30
N THR A 54 -10.65 -11.49 -18.76
CA THR A 54 -11.06 -12.67 -19.50
C THR A 54 -12.53 -12.46 -20.00
N GLY A 55 -13.29 -11.69 -19.23
CA GLY A 55 -14.66 -11.35 -19.59
C GLY A 55 -14.67 -10.52 -20.86
N LEU A 56 -14.02 -9.35 -20.80
CA LEU A 56 -13.94 -8.42 -21.93
C LEU A 56 -13.38 -9.08 -23.17
N TYR A 57 -12.34 -9.91 -23.00
CA TYR A 57 -11.67 -10.63 -24.08
C TYR A 57 -12.65 -11.47 -24.94
N LEU A 58 -13.40 -12.36 -24.28
CA LEU A 58 -14.36 -13.25 -24.90
C LEU A 58 -15.57 -12.47 -25.39
N VAL A 59 -16.09 -11.53 -24.60
CA VAL A 59 -17.24 -10.68 -24.97
C VAL A 59 -16.96 -9.88 -26.26
N THR A 60 -15.75 -9.30 -26.39
CA THR A 60 -15.37 -8.50 -27.57
C THR A 60 -15.25 -9.39 -28.81
N ASN A 61 -14.70 -10.62 -28.66
CA ASN A 61 -14.55 -11.58 -29.75
C ASN A 61 -15.90 -12.12 -30.16
N ALA A 62 -16.80 -12.29 -29.18
CA ALA A 62 -18.15 -12.78 -29.42
C ALA A 62 -18.96 -11.74 -30.17
N LEU A 63 -18.74 -10.43 -29.88
CA LEU A 63 -19.43 -9.32 -30.57
C LEU A 63 -18.90 -9.16 -32.00
N PHE A 64 -17.58 -9.33 -32.18
CA PHE A 64 -16.96 -9.29 -33.51
C PHE A 64 -17.40 -10.47 -34.34
N ALA A 65 -17.45 -11.68 -33.74
CA ALA A 65 -17.91 -12.89 -34.44
C ALA A 65 -19.30 -12.66 -35.05
N LEU A 66 -20.27 -12.21 -34.23
CA LEU A 66 -21.66 -11.94 -34.65
C LEU A 66 -21.74 -10.99 -35.84
N ALA A 67 -20.81 -10.02 -35.91
CA ALA A 67 -20.73 -9.05 -37.00
C ALA A 67 -20.24 -9.75 -38.28
N TYR A 68 -19.34 -10.75 -38.15
CA TYR A 68 -18.82 -11.52 -39.29
C TYR A 68 -19.94 -12.38 -39.89
N LEU A 69 -20.78 -12.97 -39.01
CA LEU A 69 -21.93 -13.77 -39.41
C LEU A 69 -23.04 -12.90 -40.04
N ALA A 70 -23.18 -11.64 -39.56
CA ALA A 70 -24.16 -10.66 -40.05
C ALA A 70 -23.86 -10.21 -41.50
N CYS A 71 -22.58 -10.32 -41.94
CA CYS A 71 -22.06 -10.01 -43.28
C CYS A 71 -22.41 -11.15 -44.26
N GLY A 72 -22.50 -12.37 -43.71
CA GLY A 72 -22.75 -13.60 -44.45
C GLY A 72 -21.52 -14.47 -44.40
N ASP A 73 -21.44 -15.50 -45.27
CA ASP A 73 -20.34 -16.46 -45.37
C ASP A 73 -19.05 -15.72 -45.83
N VAL A 74 -18.40 -15.02 -44.87
CA VAL A 74 -17.24 -14.18 -45.13
C VAL A 74 -15.90 -14.72 -44.53
N ILE A 75 -15.87 -15.98 -44.03
CA ILE A 75 -14.65 -16.60 -43.49
C ILE A 75 -14.37 -17.83 -44.37
N GLU A 76 -13.26 -17.81 -45.15
CA GLU A 76 -12.88 -18.80 -46.18
C GLU A 76 -13.07 -20.30 -45.83
N ASN A 77 -12.61 -20.78 -44.65
CA ASN A 77 -12.82 -22.22 -44.41
C ASN A 77 -13.76 -22.51 -43.24
N ALA A 78 -14.69 -21.58 -43.00
CA ALA A 78 -15.66 -21.70 -41.93
C ALA A 78 -16.89 -22.44 -42.39
N ARG A 79 -17.61 -22.99 -41.41
CA ARG A 79 -18.89 -23.65 -41.59
C ARG A 79 -19.92 -22.52 -41.70
N PRO A 80 -20.83 -22.50 -42.72
CA PRO A 80 -21.76 -21.36 -42.83
C PRO A 80 -22.71 -21.26 -41.64
N GLY A 81 -22.87 -20.04 -41.13
CA GLY A 81 -23.72 -19.73 -39.98
C GLY A 81 -23.22 -20.24 -38.65
N SER A 82 -21.91 -20.60 -38.56
CA SER A 82 -21.27 -21.16 -37.36
C SER A 82 -20.53 -20.10 -36.59
N PHE A 83 -20.96 -19.91 -35.32
CA PHE A 83 -20.39 -19.00 -34.36
C PHE A 83 -19.02 -19.47 -33.93
N THR A 84 -18.87 -20.76 -33.58
CA THR A 84 -17.59 -21.34 -33.15
C THR A 84 -16.48 -20.86 -34.10
N ASP A 85 -16.65 -21.17 -35.41
CA ASP A 85 -15.74 -20.80 -36.49
C ASP A 85 -15.52 -19.28 -36.55
N ALA A 86 -16.63 -18.50 -36.48
CA ALA A 86 -16.66 -17.02 -36.46
C ALA A 86 -15.86 -16.48 -35.25
N PHE A 87 -16.11 -17.09 -34.08
CA PHE A 87 -15.45 -16.74 -32.84
C PHE A 87 -13.96 -16.99 -32.91
N PHE A 88 -13.51 -18.17 -33.34
CA PHE A 88 -12.09 -18.50 -33.42
C PHE A 88 -11.37 -17.71 -34.49
N PHE A 89 -12.07 -17.35 -35.59
CA PHE A 89 -11.48 -16.47 -36.60
C PHE A 89 -11.25 -15.08 -35.98
N SER A 90 -12.11 -14.66 -35.01
CA SER A 90 -11.97 -13.39 -34.30
C SER A 90 -10.72 -13.41 -33.42
N VAL A 91 -10.55 -14.45 -32.54
CA VAL A 91 -9.41 -14.56 -31.63
C VAL A 91 -8.10 -14.67 -32.42
N GLN A 92 -8.12 -15.21 -33.64
CA GLN A 92 -6.94 -15.29 -34.51
C GLN A 92 -6.62 -13.91 -35.11
N THR A 93 -7.67 -13.09 -35.39
CA THR A 93 -7.55 -11.73 -35.94
C THR A 93 -7.14 -10.73 -34.84
N MET A 94 -7.87 -10.77 -33.70
CA MET A 94 -7.64 -9.92 -32.52
C MET A 94 -6.24 -10.17 -31.92
N ALA A 95 -5.84 -11.44 -31.76
CA ALA A 95 -4.52 -11.78 -31.23
C ALA A 95 -3.42 -11.59 -32.28
N THR A 96 -3.81 -11.42 -33.58
CA THR A 96 -2.95 -11.21 -34.74
C THR A 96 -2.09 -12.50 -34.99
N ILE A 97 -2.72 -13.68 -34.76
CA ILE A 97 -2.08 -14.98 -35.01
C ILE A 97 -2.11 -15.23 -36.53
N GLY A 98 -3.32 -15.15 -37.10
CA GLY A 98 -3.58 -15.34 -38.52
C GLY A 98 -2.90 -16.55 -39.10
N TYR A 99 -3.39 -17.74 -38.70
CA TYR A 99 -2.90 -19.04 -39.16
C TYR A 99 -3.02 -19.11 -40.68
N GLY A 100 -4.19 -18.70 -41.17
CA GLY A 100 -4.44 -18.69 -42.60
C GLY A 100 -5.41 -19.73 -43.11
N LYS A 101 -6.00 -20.58 -42.20
CA LYS A 101 -7.00 -21.56 -42.64
C LYS A 101 -8.34 -20.80 -42.78
N LEU A 102 -8.66 -19.98 -41.77
CA LEU A 102 -9.82 -19.11 -41.73
C LEU A 102 -9.37 -17.71 -42.18
N ILE A 103 -9.68 -17.31 -43.41
CA ILE A 103 -9.24 -16.01 -43.92
C ILE A 103 -10.44 -15.17 -44.38
N PRO A 104 -10.44 -13.81 -44.20
CA PRO A 104 -11.62 -13.00 -44.60
C PRO A 104 -11.87 -12.90 -46.11
N ILE A 105 -13.16 -12.76 -46.51
CA ILE A 105 -13.58 -12.63 -47.91
C ILE A 105 -14.39 -11.33 -48.12
N GLY A 106 -14.00 -10.54 -49.12
CA GLY A 106 -14.68 -9.31 -49.50
C GLY A 106 -14.30 -8.03 -48.76
N PRO A 107 -15.04 -6.92 -49.00
CA PRO A 107 -14.70 -5.65 -48.33
C PRO A 107 -15.19 -5.54 -46.88
N LEU A 108 -16.37 -6.08 -46.53
CA LEU A 108 -16.93 -5.98 -45.17
C LEU A 108 -16.06 -6.82 -44.17
N ALA A 109 -15.77 -8.10 -44.49
CA ALA A 109 -14.93 -8.95 -43.63
C ALA A 109 -13.52 -8.39 -43.47
N ASN A 110 -12.99 -7.70 -44.48
CA ASN A 110 -11.64 -7.11 -44.41
C ASN A 110 -11.63 -5.77 -43.69
N THR A 111 -12.78 -5.08 -43.65
CA THR A 111 -12.95 -3.82 -42.92
C THR A 111 -13.02 -4.17 -41.43
N LEU A 112 -13.87 -5.16 -41.09
CA LEU A 112 -14.04 -5.62 -39.73
C LEU A 112 -12.71 -6.10 -39.14
N VAL A 113 -11.85 -6.74 -39.98
CA VAL A 113 -10.50 -7.19 -39.65
C VAL A 113 -9.65 -5.94 -39.31
N THR A 114 -9.70 -4.90 -40.17
CA THR A 114 -9.01 -3.60 -39.97
C THR A 114 -9.34 -3.08 -38.55
N LEU A 115 -10.65 -2.98 -38.25
CA LEU A 115 -11.22 -2.56 -36.97
C LEU A 115 -10.85 -3.50 -35.82
N GLU A 116 -10.95 -4.84 -36.01
CA GLU A 116 -10.65 -5.81 -34.95
C GLU A 116 -9.18 -5.92 -34.66
N ALA A 117 -8.31 -5.81 -35.68
CA ALA A 117 -6.85 -5.87 -35.46
C ALA A 117 -6.41 -4.69 -34.62
N LEU A 118 -7.01 -3.50 -34.90
CA LEU A 118 -6.80 -2.25 -34.18
C LEU A 118 -7.33 -2.38 -32.77
N CYS A 119 -8.60 -2.81 -32.57
CA CYS A 119 -9.20 -3.05 -31.24
C CYS A 119 -8.32 -4.00 -30.39
N GLY A 120 -7.89 -5.11 -31.00
CA GLY A 120 -7.04 -6.12 -30.38
C GLY A 120 -5.69 -5.61 -29.95
N MET A 121 -5.03 -4.83 -30.81
CA MET A 121 -3.70 -4.24 -30.52
C MET A 121 -3.80 -3.21 -29.39
N LEU A 122 -4.71 -2.24 -29.53
CA LEU A 122 -4.89 -1.19 -28.55
C LEU A 122 -5.37 -1.76 -27.22
N GLY A 123 -6.52 -2.44 -27.24
CA GLY A 123 -7.09 -3.07 -26.06
C GLY A 123 -6.19 -3.92 -25.19
N LEU A 124 -5.54 -4.94 -25.75
CA LEU A 124 -4.69 -5.84 -24.96
C LEU A 124 -3.47 -5.16 -24.35
N ALA A 125 -2.94 -4.15 -25.05
CA ALA A 125 -1.78 -3.39 -24.62
C ALA A 125 -2.07 -2.66 -23.32
N VAL A 126 -3.28 -2.12 -23.22
CA VAL A 126 -3.82 -1.40 -22.07
C VAL A 126 -4.07 -2.43 -20.93
N ALA A 127 -4.76 -3.55 -21.20
CA ALA A 127 -5.01 -4.59 -20.21
C ALA A 127 -3.68 -5.06 -19.58
N ALA A 128 -2.62 -5.16 -20.40
CA ALA A 128 -1.33 -5.59 -19.88
C ALA A 128 -0.67 -4.49 -19.06
N ARG A 129 -0.87 -3.19 -19.39
CA ARG A 129 -0.25 -2.17 -18.53
C ARG A 129 -1.01 -2.10 -17.18
N LEU A 130 -2.28 -2.51 -17.16
CA LEU A 130 -3.03 -2.56 -15.90
C LEU A 130 -2.45 -3.70 -15.10
N ILE A 131 -2.18 -4.86 -15.75
CA ILE A 131 -1.58 -6.00 -15.05
C ILE A 131 -0.25 -5.54 -14.43
N TYR A 132 0.63 -4.85 -15.20
CA TYR A 132 1.92 -4.32 -14.74
C TYR A 132 1.75 -3.35 -13.54
N ALA A 133 0.85 -2.34 -13.66
CA ALA A 133 0.58 -1.33 -12.63
C ALA A 133 0.34 -1.99 -11.25
N ARG A 134 -0.54 -3.01 -11.24
CA ARG A 134 -0.96 -3.81 -10.10
C ARG A 134 0.20 -4.60 -9.56
N PHE A 135 1.05 -5.14 -10.45
CA PHE A 135 2.18 -6.02 -10.12
C PHE A 135 3.47 -5.25 -9.66
N THR A 136 3.69 -4.02 -10.17
CA THR A 136 4.89 -3.21 -9.89
C THR A 136 4.65 -2.16 -8.75
N ARG A 137 4.00 -2.58 -7.65
CA ARG A 137 3.73 -1.73 -6.48
C ARG A 137 4.90 -1.81 -5.47
N PRO A 138 5.55 -0.68 -5.10
CA PRO A 138 6.68 -0.78 -4.15
C PRO A 138 6.23 -0.92 -2.70
N THR A 139 7.02 -1.60 -1.85
CA THR A 139 6.71 -1.71 -0.43
C THR A 139 7.95 -1.31 0.37
N ALA A 140 7.81 -0.34 1.28
CA ALA A 140 8.89 0.07 2.17
C ALA A 140 9.12 -1.08 3.13
N GLY A 141 10.20 -1.82 2.97
CA GLY A 141 10.44 -2.98 3.83
C GLY A 141 10.89 -2.55 5.19
N VAL A 142 10.06 -1.76 5.86
CA VAL A 142 10.30 -1.14 7.15
C VAL A 142 9.57 -1.90 8.23
N LEU A 143 10.28 -2.19 9.32
CA LEU A 143 9.71 -2.92 10.44
C LEU A 143 9.61 -1.97 11.62
N PHE A 144 8.38 -1.74 12.11
CA PHE A 144 8.12 -0.91 13.28
C PHE A 144 8.27 -1.75 14.58
N SER A 145 8.89 -1.19 15.61
CA SER A 145 9.02 -1.90 16.88
C SER A 145 7.61 -2.11 17.43
N SER A 146 7.37 -3.26 18.07
CA SER A 146 6.09 -3.72 18.64
C SER A 146 5.55 -2.78 19.72
N ARG A 147 6.47 -2.11 20.47
CA ARG A 147 6.15 -1.17 21.54
C ARG A 147 6.92 0.16 21.40
N MET A 148 6.48 1.14 22.21
CA MET A 148 7.10 2.43 22.41
C MET A 148 7.58 2.48 23.81
N VAL A 149 8.60 3.31 24.11
CA VAL A 149 9.11 3.44 25.49
C VAL A 149 9.09 4.90 25.91
N ILE A 150 8.82 5.19 27.20
CA ILE A 150 8.88 6.57 27.71
C ILE A 150 9.97 6.57 28.80
N SER A 151 11.25 6.69 28.39
CA SER A 151 12.38 6.73 29.34
C SER A 151 13.16 8.04 29.27
N ASP A 152 13.90 8.37 30.34
CA ASP A 152 14.72 9.56 30.46
C ASP A 152 15.96 9.40 29.59
N PHE A 153 16.09 10.25 28.61
CA PHE A 153 17.21 10.36 27.69
C PHE A 153 17.58 11.84 27.60
N GLU A 154 18.87 12.14 27.86
CA GLU A 154 19.48 13.46 27.87
C GLU A 154 18.75 14.44 28.85
N GLY A 155 18.47 13.92 30.04
CA GLY A 155 17.84 14.64 31.15
C GLY A 155 16.43 15.16 30.91
N LYS A 156 15.62 14.37 30.22
CA LYS A 156 14.26 14.72 29.87
C LYS A 156 13.52 13.43 29.53
N PRO A 157 12.31 13.16 30.11
CA PRO A 157 11.57 11.95 29.71
C PRO A 157 11.29 12.06 28.21
N THR A 158 11.60 10.99 27.46
CA THR A 158 11.47 11.01 26.02
C THR A 158 10.68 9.82 25.53
N LEU A 159 9.65 10.08 24.71
CA LEU A 159 8.84 9.07 24.04
C LEU A 159 9.60 8.64 22.77
N MET A 160 9.88 7.34 22.67
CA MET A 160 10.65 6.72 21.60
C MET A 160 9.96 5.55 21.02
N MET A 161 10.40 5.16 19.84
CA MET A 161 10.04 3.95 19.11
C MET A 161 11.10 3.76 18.01
N ARG A 162 11.13 2.59 17.32
CA ARG A 162 12.17 2.46 16.29
C ARG A 162 11.72 1.71 15.04
N LEU A 163 12.43 1.97 13.92
CA LEU A 163 12.27 1.41 12.57
C LEU A 163 13.52 0.73 12.13
N ALA A 164 13.39 -0.25 11.24
CA ALA A 164 14.51 -0.94 10.64
C ALA A 164 14.19 -1.27 9.22
N ASN A 165 15.21 -1.25 8.35
CA ASN A 165 15.08 -1.60 6.95
C ASN A 165 15.28 -3.10 6.86
N LEU A 166 14.41 -3.82 6.10
CA LEU A 166 14.48 -5.29 5.96
C LEU A 166 15.15 -5.73 4.62
N ARG A 167 15.85 -4.78 3.95
CA ARG A 167 16.57 -4.98 2.68
C ARG A 167 17.93 -4.26 2.69
N ILE A 168 18.87 -4.74 1.86
CA ILE A 168 20.23 -4.21 1.70
C ILE A 168 20.17 -2.72 1.28
N GLU A 169 19.40 -2.44 0.20
CA GLU A 169 19.17 -1.14 -0.46
C GLU A 169 18.77 -0.05 0.55
N GLN A 170 19.31 1.17 0.38
CA GLN A 170 19.07 2.32 1.26
C GLN A 170 17.76 3.03 0.92
N ILE A 171 17.26 3.88 1.84
CA ILE A 171 16.07 4.71 1.60
C ILE A 171 16.51 6.16 1.77
N ILE A 172 16.37 6.93 0.71
CA ILE A 172 16.83 8.30 0.59
C ILE A 172 15.72 9.29 1.01
N GLU A 173 16.12 10.44 1.65
CA GLU A 173 15.25 11.53 2.15
C GLU A 173 14.10 10.94 2.98
N ALA A 174 14.44 10.03 3.89
CA ALA A 174 13.46 9.35 4.74
C ALA A 174 13.00 10.26 5.85
N ASP A 175 11.68 10.39 6.00
CA ASP A 175 11.11 11.20 7.05
C ASP A 175 10.04 10.41 7.75
N VAL A 176 9.87 10.71 9.04
CA VAL A 176 8.93 10.05 9.95
C VAL A 176 8.04 11.12 10.68
N HIS A 177 6.75 10.79 10.88
CA HIS A 177 5.79 11.64 11.58
C HIS A 177 5.20 10.87 12.71
N LEU A 178 5.36 11.39 13.93
CA LEU A 178 4.80 10.77 15.11
C LEU A 178 3.64 11.64 15.52
N VAL A 179 2.42 11.11 15.43
CA VAL A 179 1.22 11.88 15.70
C VAL A 179 0.40 11.34 16.90
N LEU A 180 0.18 12.20 17.91
CA LEU A 180 -0.67 11.91 19.06
C LEU A 180 -2.07 12.23 18.62
N VAL A 181 -3.01 11.29 18.83
CA VAL A 181 -4.42 11.44 18.47
C VAL A 181 -5.20 11.20 19.75
N ARG A 182 -5.93 12.22 20.25
CA ARG A 182 -6.63 12.09 21.53
C ARG A 182 -7.85 12.99 21.67
N SER A 183 -8.76 12.61 22.60
CA SER A 183 -9.96 13.36 22.94
C SER A 183 -9.61 14.61 23.76
N GLU A 184 -10.20 15.77 23.40
CA GLU A 184 -9.97 17.06 24.06
C GLU A 184 -11.29 17.83 24.28
N ILE A 185 -11.27 18.88 25.14
CA ILE A 185 -12.42 19.74 25.46
C ILE A 185 -12.02 21.21 25.24
N SER A 186 -12.74 21.92 24.35
CA SER A 186 -12.51 23.33 23.99
C SER A 186 -12.77 24.31 25.18
N GLN A 187 -12.31 25.61 25.05
CA GLN A 187 -12.48 26.66 26.07
CA GLN A 187 -12.47 26.68 26.03
C GLN A 187 -13.96 27.00 26.25
N GLU A 188 -14.82 26.62 25.25
CA GLU A 188 -16.28 26.78 25.20
C GLU A 188 -17.01 25.55 25.75
N GLY A 189 -16.49 24.36 25.43
CA GLY A 189 -17.04 23.08 25.87
C GLY A 189 -17.29 22.11 24.73
N MET A 190 -16.48 22.21 23.66
CA MET A 190 -16.59 21.34 22.47
C MET A 190 -15.67 20.12 22.69
N VAL A 191 -16.24 18.90 22.73
CA VAL A 191 -15.44 17.68 22.90
C VAL A 191 -15.21 17.05 21.52
N PHE A 192 -13.95 17.14 21.09
CA PHE A 192 -13.43 16.73 19.80
C PHE A 192 -12.12 15.92 19.94
N ARG A 193 -11.86 15.03 18.97
CA ARG A 193 -10.61 14.29 18.86
C ARG A 193 -9.65 15.19 18.06
N ARG A 194 -8.42 15.39 18.55
CA ARG A 194 -7.46 16.23 17.86
C ARG A 194 -6.12 15.52 17.65
N PHE A 195 -5.52 15.74 16.47
CA PHE A 195 -4.21 15.17 16.19
C PHE A 195 -3.13 16.23 16.45
N HIS A 196 -2.07 15.81 17.16
CA HIS A 196 -0.90 16.60 17.49
C HIS A 196 0.25 16.03 16.75
N ASP A 197 1.02 16.83 16.04
CA ASP A 197 2.18 16.22 15.37
C ASP A 197 3.35 16.43 16.31
N LEU A 198 3.73 15.35 17.03
CA LEU A 198 4.81 15.37 18.01
C LEU A 198 6.19 15.70 17.39
N THR A 199 6.81 16.77 17.90
CA THR A 199 8.10 17.27 17.48
C THR A 199 9.17 16.26 17.87
N LEU A 200 9.94 15.82 16.87
CA LEU A 200 10.99 14.82 17.04
C LEU A 200 12.35 15.46 17.00
N THR A 201 13.33 14.91 17.75
CA THR A 201 14.71 15.42 17.72
C THR A 201 15.25 15.41 16.25
N ARG A 202 14.96 14.34 15.47
CA ARG A 202 15.32 14.17 14.05
C ARG A 202 14.16 13.59 13.26
N SER A 203 13.46 14.39 12.49
CA SER A 203 12.35 13.89 11.67
C SER A 203 12.84 13.40 10.29
N ARG A 204 14.01 13.89 9.79
CA ARG A 204 14.54 13.46 8.50
C ARG A 204 15.90 12.78 8.64
N SER A 205 16.04 11.61 7.99
CA SER A 205 17.28 10.84 7.86
C SER A 205 17.54 10.80 6.36
N PRO A 206 18.48 11.61 5.78
CA PRO A 206 18.64 11.63 4.32
C PRO A 206 18.97 10.27 3.76
N ILE A 207 19.71 9.42 4.52
CA ILE A 207 20.05 8.06 4.12
C ILE A 207 19.75 7.11 5.31
N PHE A 208 18.60 6.38 5.21
CA PHE A 208 18.17 5.38 6.19
C PHE A 208 18.48 4.00 5.61
N SER A 209 19.36 3.24 6.26
CA SER A 209 19.77 1.95 5.72
C SER A 209 19.62 0.80 6.69
N LEU A 210 19.69 1.06 8.02
CA LEU A 210 19.65 -0.05 8.98
C LEU A 210 18.60 0.14 10.08
N SER A 211 18.85 1.01 11.07
CA SER A 211 17.93 1.24 12.18
C SER A 211 17.89 2.72 12.54
N TRP A 212 16.74 3.18 13.07
CA TRP A 212 16.49 4.57 13.44
C TRP A 212 15.60 4.63 14.66
N THR A 213 16.10 5.10 15.84
CA THR A 213 15.24 5.26 17.03
C THR A 213 14.69 6.69 16.96
N VAL A 214 13.37 6.81 16.93
CA VAL A 214 12.68 8.08 16.82
C VAL A 214 12.34 8.58 18.24
N MET A 215 12.83 9.77 18.59
CA MET A 215 12.68 10.33 19.92
C MET A 215 11.88 11.63 19.92
N HIS A 216 10.95 11.73 20.86
CA HIS A 216 10.15 12.91 21.07
C HIS A 216 10.42 13.39 22.50
N PRO A 217 11.33 14.37 22.73
CA PRO A 217 11.55 14.80 24.12
C PRO A 217 10.31 15.52 24.65
N ILE A 218 9.75 14.98 25.75
CA ILE A 218 8.56 15.49 26.42
C ILE A 218 8.98 16.72 27.25
N ASP A 219 8.63 17.90 26.77
CA ASP A 219 8.97 19.16 27.44
C ASP A 219 7.69 19.97 27.66
N HIS A 220 7.78 21.15 28.32
CA HIS A 220 6.61 22.00 28.61
C HIS A 220 5.81 22.39 27.35
N HIS A 221 6.36 22.10 26.14
CA HIS A 221 5.69 22.37 24.87
C HIS A 221 5.04 21.09 24.30
N SER A 222 5.46 19.90 24.78
CA SER A 222 4.94 18.62 24.30
C SER A 222 3.50 18.36 24.80
N PRO A 223 2.58 17.89 23.91
CA PRO A 223 1.19 17.60 24.35
C PRO A 223 1.06 16.46 25.38
N ILE A 224 2.13 15.70 25.64
CA ILE A 224 2.06 14.62 26.61
C ILE A 224 2.91 14.98 27.86
N TYR A 225 3.02 16.29 28.16
CA TYR A 225 3.77 16.80 29.31
C TYR A 225 3.01 16.53 30.59
N GLY A 226 3.70 15.89 31.54
CA GLY A 226 3.15 15.49 32.84
C GLY A 226 2.06 14.44 32.74
N GLU A 227 1.84 13.90 31.52
CA GLU A 227 0.82 12.89 31.22
C GLU A 227 1.31 11.51 31.66
N THR A 228 0.48 10.81 32.46
CA THR A 228 0.75 9.45 32.94
C THR A 228 -0.07 8.46 32.12
N ASP A 229 0.19 7.14 32.30
CA ASP A 229 -0.59 6.09 31.64
C ASP A 229 -2.08 6.28 31.96
N GLU A 230 -2.40 6.64 33.24
CA GLU A 230 -3.74 6.90 33.74
C GLU A 230 -4.48 7.85 32.83
N THR A 231 -3.96 9.08 32.67
CA THR A 231 -4.50 10.20 31.86
C THR A 231 -4.47 9.94 30.34
N LEU A 232 -3.51 9.13 29.86
CA LEU A 232 -3.42 8.81 28.43
C LEU A 232 -4.55 7.89 28.03
N ARG A 233 -4.90 6.89 28.89
CA ARG A 233 -6.02 5.94 28.65
C ARG A 233 -7.38 6.67 28.66
N ASN A 234 -7.52 7.69 29.56
CA ASN A 234 -8.69 8.55 29.78
C ASN A 234 -9.10 9.33 28.51
N SER A 235 -8.11 9.91 27.81
CA SER A 235 -8.36 10.67 26.58
C SER A 235 -8.30 9.73 25.38
N HIS A 236 -8.26 8.39 25.63
CA HIS A 236 -8.17 7.30 24.66
C HIS A 236 -7.09 7.65 23.64
N SER A 237 -5.93 8.12 24.16
CA SER A 237 -4.79 8.52 23.36
C SER A 237 -4.28 7.35 22.54
N GLU A 238 -3.80 7.67 21.34
CA GLU A 238 -3.24 6.75 20.36
C GLU A 238 -2.07 7.42 19.72
N PHE A 239 -1.11 6.65 19.25
CA PHE A 239 0.03 7.24 18.58
C PHE A 239 0.11 6.65 17.20
N LEU A 240 0.02 7.49 16.17
CA LEU A 240 0.11 7.07 14.77
C LEU A 240 1.44 7.52 14.18
N VAL A 241 2.19 6.56 13.61
CA VAL A 241 3.52 6.78 13.01
C VAL A 241 3.45 6.63 11.49
N LEU A 242 4.03 7.57 10.75
CA LEU A 242 4.10 7.46 9.29
C LEU A 242 5.54 7.59 8.83
N PHE A 243 6.07 6.59 8.13
CA PHE A 243 7.40 6.64 7.53
C PHE A 243 7.28 6.83 6.03
N THR A 244 8.08 7.72 5.45
CA THR A 244 8.10 7.92 3.99
C THR A 244 9.52 8.12 3.53
N GLY A 245 9.87 7.61 2.36
CA GLY A 245 11.21 7.80 1.82
C GLY A 245 11.40 7.31 0.40
N HIS A 246 12.44 7.75 -0.28
CA HIS A 246 12.70 7.30 -1.64
C HIS A 246 13.52 6.03 -1.59
N HIS A 247 13.02 4.94 -2.17
CA HIS A 247 13.72 3.66 -2.11
C HIS A 247 14.69 3.55 -3.22
N GLU A 248 15.87 3.05 -2.95
CA GLU A 248 16.86 2.88 -4.01
C GLU A 248 16.51 1.71 -4.94
N ALA A 249 16.11 0.54 -4.37
CA ALA A 249 15.77 -0.67 -5.11
C ALA A 249 14.66 -0.42 -6.14
N PHE A 250 13.56 0.22 -5.74
CA PHE A 250 12.45 0.48 -6.64
C PHE A 250 12.65 1.73 -7.48
N ALA A 251 13.53 2.65 -7.02
CA ALA A 251 13.77 3.98 -7.59
C ALA A 251 12.47 4.83 -7.52
N GLN A 252 11.57 4.47 -6.58
CA GLN A 252 10.29 5.11 -6.29
C GLN A 252 10.19 5.49 -4.82
N ASN A 253 9.27 6.39 -4.50
CA ASN A 253 9.01 6.71 -3.11
C ASN A 253 8.17 5.58 -2.50
N VAL A 254 8.43 5.26 -1.23
CA VAL A 254 7.76 4.22 -0.48
C VAL A 254 7.18 4.86 0.77
N HIS A 255 6.16 4.24 1.34
CA HIS A 255 5.62 4.70 2.62
C HIS A 255 5.23 3.48 3.47
N ALA A 256 5.16 3.68 4.79
CA ALA A 256 4.83 2.66 5.78
C ALA A 256 4.23 3.36 6.96
N ARG A 257 3.25 2.74 7.61
CA ARG A 257 2.60 3.36 8.75
C ARG A 257 2.23 2.32 9.83
N HIS A 258 2.06 2.82 11.06
CA HIS A 258 1.80 1.98 12.23
C HIS A 258 1.12 2.80 13.30
N ALA A 259 0.37 2.12 14.18
CA ALA A 259 -0.34 2.81 15.24
C ALA A 259 -0.24 2.03 16.53
N TYR A 260 -0.11 2.77 17.64
CA TYR A 260 0.04 2.25 19.01
C TYR A 260 -1.03 2.81 19.91
N SER A 261 -1.29 2.12 21.03
CA SER A 261 -2.20 2.57 22.08
C SER A 261 -1.39 2.63 23.39
N CYS A 262 -2.03 3.06 24.51
CA CYS A 262 -1.39 3.14 25.83
C CYS A 262 -0.89 1.76 26.31
N ASP A 263 -1.59 0.66 25.93
CA ASP A 263 -1.20 -0.73 26.25
C ASP A 263 0.12 -1.12 25.56
N GLU A 264 0.53 -0.35 24.52
CA GLU A 264 1.74 -0.60 23.76
C GLU A 264 2.91 0.40 24.12
N ILE A 265 2.83 1.07 25.28
CA ILE A 265 3.87 1.99 25.79
C ILE A 265 4.52 1.36 27.06
N ILE A 266 5.86 1.19 27.04
CA ILE A 266 6.60 0.58 28.15
C ILE A 266 7.30 1.70 28.92
N TRP A 267 6.60 2.28 29.90
CA TRP A 267 7.12 3.34 30.78
C TRP A 267 8.39 2.88 31.48
N GLY A 268 9.47 3.60 31.23
CA GLY A 268 10.76 3.24 31.81
C GLY A 268 11.54 2.26 30.97
N GLY A 269 10.93 1.75 29.91
CA GLY A 269 11.57 0.81 29.01
C GLY A 269 12.70 1.45 28.23
N HIS A 270 13.72 0.65 27.88
CA HIS A 270 14.89 1.08 27.10
C HIS A 270 15.10 0.10 25.98
N PHE A 271 15.26 0.60 24.76
CA PHE A 271 15.48 -0.29 23.65
C PHE A 271 16.88 -0.88 23.72
N VAL A 272 16.94 -2.19 23.52
CA VAL A 272 18.16 -2.99 23.51
C VAL A 272 18.93 -2.68 22.22
N ASP A 273 20.28 -2.57 22.30
CA ASP A 273 21.11 -2.28 21.13
C ASP A 273 21.05 -3.47 20.17
N VAL A 274 20.92 -3.18 18.86
CA VAL A 274 20.83 -4.17 17.80
C VAL A 274 22.17 -4.34 17.07
N PHE A 275 23.07 -3.34 17.17
CA PHE A 275 24.38 -3.36 16.51
C PHE A 275 25.47 -4.13 17.36
N THR A 276 25.91 -5.31 16.84
CA THR A 276 26.92 -6.19 17.48
C THR A 276 28.32 -5.92 16.84
N THR A 277 29.30 -6.87 17.01
CA THR A 277 30.66 -6.81 16.47
C THR A 277 31.17 -8.26 16.28
N GLY A 281 36.90 -4.43 13.42
CA GLY A 281 35.52 -4.07 13.70
C GLY A 281 34.54 -5.21 13.54
N ARG A 282 34.16 -5.51 12.26
CA ARG A 282 33.21 -6.55 11.80
C ARG A 282 31.80 -6.37 12.45
N ARG A 283 31.16 -5.22 12.15
CA ARG A 283 29.84 -4.80 12.68
C ARG A 283 28.68 -5.62 12.07
N ALA A 284 27.66 -5.92 12.91
CA ALA A 284 26.46 -6.69 12.58
C ALA A 284 25.19 -5.98 13.03
N LEU A 285 24.00 -6.58 12.75
CA LEU A 285 22.68 -6.05 13.12
C LEU A 285 21.70 -7.23 13.31
N ASP A 286 21.45 -7.62 14.59
CA ASP A 286 20.52 -8.71 14.93
C ASP A 286 19.12 -8.15 15.10
N LEU A 287 18.18 -8.54 14.21
CA LEU A 287 16.80 -8.03 14.25
C LEU A 287 15.91 -8.77 15.28
N GLY A 288 16.54 -9.66 16.07
CA GLY A 288 15.89 -10.38 17.17
C GLY A 288 15.70 -9.40 18.31
N LYS A 289 16.82 -8.71 18.67
CA LYS A 289 16.90 -7.66 19.68
C LYS A 289 16.05 -6.41 19.34
N PHE A 290 15.56 -6.30 18.09
CA PHE A 290 14.81 -5.15 17.59
C PHE A 290 13.56 -4.85 18.42
N HIS A 291 12.83 -5.88 18.85
CA HIS A 291 11.64 -5.67 19.67
C HIS A 291 11.97 -5.79 21.15
N GLU A 292 13.23 -6.18 21.50
CA GLU A 292 13.69 -6.34 22.88
C GLU A 292 13.79 -5.01 23.60
N ILE A 293 13.08 -4.90 24.73
CA ILE A 293 13.04 -3.70 25.59
C ILE A 293 13.44 -4.04 27.05
N ALA A 294 14.52 -3.39 27.54
CA ALA A 294 15.05 -3.52 28.89
C ALA A 294 14.19 -2.74 29.85
N GLN A 295 14.09 -3.19 31.10
CA GLN A 295 13.28 -2.55 32.14
C GLN A 295 13.80 -2.82 33.54
N HIS A 296 13.85 -1.79 34.40
CA HIS A 296 14.25 -1.93 35.80
C HIS A 296 13.10 -2.61 36.51
N HIS A 297 13.41 -3.46 37.49
CA HIS A 297 12.37 -4.16 38.21
C HIS A 297 12.46 -3.85 39.70
N HIS A 298 11.40 -3.19 40.21
CA HIS A 298 11.25 -2.77 41.61
C HIS A 298 11.07 -3.97 42.50
N HIS A 299 11.50 -3.81 43.75
CA HIS A 299 11.50 -4.84 44.78
C HIS A 299 10.08 -5.14 45.25
N HIS A 300 9.78 -6.44 45.45
CA HIS A 300 8.48 -6.90 45.93
C HIS A 300 8.50 -7.09 47.45
CL CL B . 4.54 1.65 -20.20
CL CL C . 4.98 3.48 -18.13
K K D . -0.07 -17.52 -41.82
K K E . 0.47 -15.28 -39.30
K K F . 0.93 -13.37 -37.15
K K G . 1.42 -11.32 -34.83
K K H . 2.05 -8.70 -31.88
#